data_5TYT
#
_entry.id   5TYT
#
_cell.length_a   61.739
_cell.length_b   66.633
_cell.length_c   168.440
_cell.angle_alpha   90.000
_cell.angle_beta   90.000
_cell.angle_gamma   90.000
#
_symmetry.space_group_name_H-M   'C 2 2 21'
#
loop_
_entity.id
_entity.type
_entity.pdbx_description
1 polymer 'Rho guanine nucleotide exchange factor 11, C-X-C chemokine receptor type 2 chimera'
2 water water
#
_entity_poly.entity_id   1
_entity_poly.type   'polypeptide(L)'
_entity_poly.pdbx_seq_one_letter_code
;MTGLVQRCVIIQKDQHGFGFTVSGDRIVLVQSVRPGGAAMKAGVKEGDRIIKVNGTMVTNSSHLEVVKLIKSGAYVALTL
LGSSTSTTL
;
_entity_poly.pdbx_strand_id   A,B,C,D
#
# COMPACT_ATOMS: atom_id res chain seq x y z
N MET A 1 9.97 -6.81 -20.03
CA MET A 1 11.07 -6.41 -19.17
C MET A 1 11.16 -4.89 -19.05
N THR A 2 11.46 -4.21 -20.15
CA THR A 2 11.65 -2.76 -20.14
C THR A 2 10.66 -2.04 -21.04
N GLY A 3 10.04 -1.00 -20.50
CA GLY A 3 9.11 -0.24 -21.28
C GLY A 3 8.68 1.00 -20.55
N LEU A 4 7.47 1.44 -20.85
CA LEU A 4 7.04 2.74 -20.46
C LEU A 4 5.82 2.59 -19.56
N VAL A 5 5.71 3.45 -18.56
CA VAL A 5 4.61 3.38 -17.58
C VAL A 5 4.15 4.79 -17.18
N GLN A 6 2.83 4.94 -17.05
CA GLN A 6 2.22 6.14 -16.48
C GLN A 6 2.07 5.87 -14.99
N ARG A 7 2.35 6.86 -14.15
CA ARG A 7 2.44 6.62 -12.71
C ARG A 7 2.27 7.88 -11.87
N CYS A 8 1.70 7.74 -10.69
CA CYS A 8 1.45 8.90 -9.83
C CYS A 8 2.32 8.91 -8.59
N VAL A 9 2.77 10.10 -8.21
CA VAL A 9 3.60 10.24 -7.02
C VAL A 9 3.27 11.49 -6.25
N ILE A 10 3.31 11.38 -4.93
CA ILE A 10 3.25 12.56 -4.08
C ILE A 10 4.66 12.87 -3.62
N ILE A 11 5.02 14.15 -3.65
CA ILE A 11 6.28 14.58 -3.05
C ILE A 11 6.00 15.58 -1.96
N GLN A 12 6.49 15.33 -0.77
CA GLN A 12 6.40 16.31 0.29
C GLN A 12 7.66 17.14 0.39
N LYS A 13 7.51 18.45 0.43
CA LYS A 13 8.64 19.37 0.51
C LYS A 13 9.56 19.07 1.69
N ASP A 14 10.85 18.96 1.38
CA ASP A 14 11.91 18.71 2.35
C ASP A 14 12.38 20.03 2.94
N GLN A 15 13.40 19.95 3.80
CA GLN A 15 14.11 21.13 4.26
C GLN A 15 14.66 21.85 3.04
N HIS A 16 15.07 21.06 2.04
CA HIS A 16 15.61 21.57 0.78
C HIS A 16 14.63 21.36 -0.35
N GLY A 17 13.38 21.77 -0.15
CA GLY A 17 12.38 21.68 -1.20
C GLY A 17 12.03 20.26 -1.65
N PHE A 18 11.75 20.11 -2.95
CA PHE A 18 11.28 18.85 -3.50
C PHE A 18 12.38 17.87 -3.91
N GLY A 19 13.57 18.41 -4.21
CA GLY A 19 14.71 17.59 -4.54
C GLY A 19 14.76 17.07 -5.95
N PHE A 20 14.37 17.90 -6.93
CA PHE A 20 14.56 17.52 -8.33
C PHE A 20 14.54 18.74 -9.23
N THR A 21 15.03 18.57 -10.46
CA THR A 21 15.20 19.68 -11.40
C THR A 21 14.43 19.40 -12.69
N VAL A 22 13.66 20.39 -13.12
CA VAL A 22 12.80 20.26 -14.29
C VAL A 22 13.32 21.14 -15.42
N SER A 23 13.35 20.60 -16.64
CA SER A 23 13.86 21.37 -17.76
C SER A 23 12.93 21.29 -18.96
N GLY A 24 13.06 22.29 -19.85
CA GLY A 24 12.21 22.43 -21.03
C GLY A 24 10.73 22.61 -20.70
N ASP A 25 9.92 22.35 -21.73
CA ASP A 25 8.47 22.29 -21.62
C ASP A 25 7.90 21.54 -22.82
N ARG A 26 6.65 21.10 -22.68
CA ARG A 26 5.90 20.48 -23.79
C ARG A 26 6.63 19.32 -24.48
N ILE A 27 7.03 18.29 -23.74
CA ILE A 27 6.65 18.10 -22.33
C ILE A 27 7.82 18.31 -21.39
N VAL A 28 7.56 18.94 -20.25
CA VAL A 28 8.53 19.08 -19.17
C VAL A 28 9.10 17.74 -18.74
N LEU A 29 10.41 17.69 -18.52
CA LEU A 29 11.03 16.44 -18.06
C LEU A 29 11.82 16.63 -16.76
N VAL A 30 12.05 15.53 -16.05
CA VAL A 30 12.87 15.54 -14.85
C VAL A 30 14.33 15.36 -15.23
N GLN A 31 15.09 16.45 -15.16
CA GLN A 31 16.50 16.45 -15.59
C GLN A 31 17.39 15.71 -14.59
N SER A 32 17.06 15.83 -13.31
CA SER A 32 17.87 15.22 -12.28
C SER A 32 17.12 15.18 -10.95
N VAL A 33 17.57 14.31 -10.06
CA VAL A 33 16.97 14.17 -8.74
C VAL A 33 18.09 14.14 -7.71
N ARG A 34 18.01 15.02 -6.71
CA ARG A 34 19.01 15.06 -5.64
C ARG A 34 18.96 13.81 -4.74
N PRO A 35 20.11 13.12 -4.61
CA PRO A 35 20.25 11.91 -3.80
C PRO A 35 19.87 12.10 -2.33
N GLY A 36 19.00 11.23 -1.83
CA GLY A 36 18.50 11.33 -0.46
C GLY A 36 17.37 12.33 -0.33
N GLY A 37 17.02 12.98 -1.44
CA GLY A 37 16.02 14.03 -1.42
C GLY A 37 14.58 13.51 -1.33
N ALA A 38 13.64 14.42 -1.15
CA ALA A 38 12.24 14.04 -1.16
C ALA A 38 11.85 13.30 -2.44
N ALA A 39 12.13 13.89 -3.61
CA ALA A 39 11.71 13.32 -4.87
C ALA A 39 12.29 11.92 -5.10
N MET A 40 13.56 11.75 -4.78
CA MET A 40 14.19 10.45 -4.94
C MET A 40 13.46 9.40 -4.08
N LYS A 41 13.29 9.71 -2.80
CA LYS A 41 12.59 8.81 -1.90
C LYS A 41 11.15 8.54 -2.33
N ALA A 42 10.48 9.51 -2.97
CA ALA A 42 9.11 9.32 -3.44
C ALA A 42 9.02 8.51 -4.75
N GLY A 43 10.16 8.13 -5.31
CA GLY A 43 10.20 7.30 -6.50
C GLY A 43 10.50 8.00 -7.81
N VAL A 44 10.79 9.30 -7.76
CA VAL A 44 10.97 10.09 -8.98
C VAL A 44 12.34 9.84 -9.61
N LYS A 45 12.33 9.49 -10.90
CA LYS A 45 13.53 9.10 -11.64
C LYS A 45 13.89 10.17 -12.68
N GLU A 46 15.19 10.34 -12.90
CA GLU A 46 15.66 11.21 -13.96
C GLU A 46 15.23 10.65 -15.32
N GLY A 47 14.61 11.50 -16.15
CA GLY A 47 14.09 11.04 -17.43
C GLY A 47 12.56 11.00 -17.48
N ASP A 48 11.90 11.00 -16.32
CA ASP A 48 10.44 11.00 -16.32
C ASP A 48 9.91 12.25 -17.00
N ARG A 49 8.74 12.11 -17.63
CA ARG A 49 7.99 13.26 -18.14
C ARG A 49 6.79 13.60 -17.26
N ILE A 50 6.63 14.89 -16.97
CA ILE A 50 5.53 15.37 -16.17
C ILE A 50 4.29 15.62 -17.03
N ILE A 51 3.27 14.79 -16.81
CA ILE A 51 1.99 14.88 -17.52
C ILE A 51 1.00 15.79 -16.76
N LYS A 52 0.92 15.63 -15.45
CA LYS A 52 -0.02 16.41 -14.65
C LYS A 52 0.63 16.88 -13.35
N VAL A 53 0.26 18.08 -12.91
CA VAL A 53 0.69 18.65 -11.63
C VAL A 53 -0.53 19.07 -10.81
N ASN A 54 -0.71 18.46 -9.64
CA ASN A 54 -1.88 18.73 -8.83
C ASN A 54 -3.19 18.70 -9.65
N GLY A 55 -3.36 17.65 -10.45
CA GLY A 55 -4.56 17.47 -11.24
C GLY A 55 -4.67 18.23 -12.55
N THR A 56 -3.74 19.13 -12.82
CA THR A 56 -3.75 19.97 -14.03
C THR A 56 -2.88 19.43 -15.18
N MET A 57 -3.47 19.22 -16.35
CA MET A 57 -2.72 18.75 -17.51
C MET A 57 -1.70 19.80 -17.93
N VAL A 58 -0.42 19.45 -17.83
CA VAL A 58 0.62 20.43 -18.10
C VAL A 58 1.41 20.11 -19.35
N THR A 59 0.97 19.11 -20.10
CA THR A 59 1.65 18.75 -21.33
C THR A 59 1.69 19.92 -22.30
N ASN A 60 0.73 20.84 -22.20
CA ASN A 60 0.76 22.00 -23.09
C ASN A 60 1.09 23.31 -22.37
N SER A 61 1.65 23.22 -21.17
CA SER A 61 1.92 24.42 -20.41
C SER A 61 3.36 24.88 -20.58
N SER A 62 3.61 26.16 -20.33
CA SER A 62 4.95 26.74 -20.43
C SER A 62 5.77 26.34 -19.22
N HIS A 63 7.09 26.38 -19.34
CA HIS A 63 7.99 25.99 -18.25
C HIS A 63 7.63 26.68 -16.93
N LEU A 64 7.29 27.96 -17.01
CA LEU A 64 7.03 28.78 -15.84
C LEU A 64 5.70 28.44 -15.18
N GLU A 65 4.69 28.13 -16.00
CA GLU A 65 3.41 27.67 -15.49
C GLU A 65 3.59 26.40 -14.66
N VAL A 66 4.41 25.48 -15.18
CA VAL A 66 4.63 24.20 -14.51
C VAL A 66 5.41 24.36 -13.21
N VAL A 67 6.45 25.20 -13.22
CA VAL A 67 7.17 25.48 -11.99
C VAL A 67 6.25 26.10 -10.92
N LYS A 68 5.47 27.09 -11.33
CA LYS A 68 4.49 27.72 -10.45
C LYS A 68 3.56 26.69 -9.81
N LEU A 69 2.93 25.89 -10.66
CA LEU A 69 2.04 24.83 -10.20
C LEU A 69 2.71 23.90 -9.20
N ILE A 70 3.95 23.53 -9.49
CA ILE A 70 4.68 22.61 -8.62
C ILE A 70 4.97 23.22 -7.25
N LYS A 71 5.40 24.48 -7.25
CA LYS A 71 5.75 25.17 -6.01
C LYS A 71 4.52 25.60 -5.18
N SER A 72 3.33 25.50 -5.77
CA SER A 72 2.14 26.06 -5.11
C SER A 72 1.81 25.47 -3.71
N GLY A 73 2.11 24.19 -3.49
CA GLY A 73 1.82 23.60 -2.20
C GLY A 73 2.99 22.97 -1.46
N ALA A 74 2.73 22.58 -0.22
CA ALA A 74 3.66 21.84 0.64
C ALA A 74 3.99 20.46 0.07
N TYR A 75 3.00 19.88 -0.60
CA TYR A 75 3.20 18.65 -1.30
C TYR A 75 2.80 18.91 -2.75
N VAL A 76 3.27 18.06 -3.67
CA VAL A 76 2.80 18.15 -5.06
C VAL A 76 2.39 16.76 -5.52
N ALA A 77 1.32 16.71 -6.31
CA ALA A 77 0.85 15.49 -6.94
C ALA A 77 1.26 15.43 -8.41
N LEU A 78 2.08 14.46 -8.78
CA LEU A 78 2.58 14.36 -10.14
C LEU A 78 2.04 13.14 -10.84
N THR A 79 1.53 13.35 -12.05
CA THR A 79 1.33 12.25 -12.97
C THR A 79 2.48 12.28 -13.96
N LEU A 80 3.26 11.20 -13.90
CA LEU A 80 4.54 11.03 -14.58
C LEU A 80 4.47 9.95 -15.64
N LEU A 81 5.18 10.17 -16.74
CA LEU A 81 5.44 9.12 -17.72
C LEU A 81 6.93 8.78 -17.72
N GLY A 82 7.28 7.52 -17.45
CA GLY A 82 8.67 7.16 -17.31
C GLY A 82 8.98 5.76 -17.77
N SER A 83 10.26 5.44 -17.84
CA SER A 83 10.61 4.07 -18.20
C SER A 83 10.64 3.23 -16.95
N SER A 84 10.53 1.94 -17.14
CA SER A 84 10.48 1.01 -16.02
C SER A 84 10.98 -0.34 -16.50
N THR A 85 11.78 -0.97 -15.65
CA THR A 85 12.19 -2.33 -15.87
C THR A 85 11.37 -3.22 -14.95
N SER A 86 11.01 -4.38 -15.46
CA SER A 86 10.21 -5.35 -14.76
C SER A 86 10.70 -6.75 -14.96
N THR A 87 10.53 -7.61 -13.98
CA THR A 87 10.94 -9.00 -14.12
C THR A 87 10.00 -9.91 -13.39
N THR A 88 9.45 -10.87 -14.13
CA THR A 88 8.55 -11.83 -13.56
C THR A 88 9.40 -12.93 -12.99
N LEU A 89 9.12 -13.32 -11.77
CA LEU A 89 9.93 -14.29 -11.08
C LEU A 89 9.15 -15.52 -10.63
N MET B 1 -11.47 -4.74 -28.22
CA MET B 1 -11.85 -3.41 -28.67
C MET B 1 -12.38 -2.52 -27.57
N THR B 2 -13.29 -3.02 -26.75
CA THR B 2 -13.65 -2.33 -25.51
C THR B 2 -13.39 -3.27 -24.34
N GLY B 3 -12.66 -2.77 -23.36
CA GLY B 3 -12.21 -3.59 -22.25
C GLY B 3 -11.90 -2.75 -21.02
N LEU B 4 -11.22 -3.34 -20.05
CA LEU B 4 -11.00 -2.65 -18.78
C LEU B 4 -9.52 -2.53 -18.47
N VAL B 5 -9.09 -1.29 -18.24
CA VAL B 5 -7.68 -1.03 -17.98
C VAL B 5 -7.48 -0.25 -16.68
N GLN B 6 -6.33 -0.48 -16.06
CA GLN B 6 -5.95 0.19 -14.84
C GLN B 6 -5.22 1.47 -15.09
N ARG B 7 -5.56 2.50 -14.34
CA ARG B 7 -4.93 3.80 -14.40
C ARG B 7 -4.85 4.32 -12.98
N CYS B 8 -4.03 5.30 -12.72
CA CYS B 8 -3.98 5.83 -11.38
C CYS B 8 -4.21 7.31 -11.33
N VAL B 9 -4.81 7.76 -10.25
CA VAL B 9 -5.01 9.19 -10.04
C VAL B 9 -4.81 9.55 -8.58
N ILE B 10 -4.57 10.84 -8.34
CA ILE B 10 -4.50 11.38 -7.00
C ILE B 10 -5.58 12.43 -6.83
N ILE B 11 -6.34 12.34 -5.75
CA ILE B 11 -7.33 13.37 -5.47
C ILE B 11 -6.81 14.26 -4.36
N GLN B 12 -6.89 15.56 -4.59
CA GLN B 12 -6.54 16.54 -3.58
C GLN B 12 -7.80 17.00 -2.88
N LYS B 13 -7.86 16.81 -1.57
CA LYS B 13 -9.04 17.18 -0.81
C LYS B 13 -9.17 18.68 -0.84
N ASP B 14 -10.38 19.17 -1.01
CA ASP B 14 -10.63 20.58 -0.74
C ASP B 14 -11.59 20.74 0.46
N GLN B 15 -12.21 21.91 0.56
CA GLN B 15 -13.12 22.20 1.66
C GLN B 15 -14.42 21.42 1.53
N HIS B 16 -14.71 20.92 0.33
CA HIS B 16 -15.94 20.19 0.09
C HIS B 16 -15.73 18.67 0.08
N GLY B 17 -14.58 18.21 0.55
CA GLY B 17 -14.26 16.80 0.53
C GLY B 17 -13.58 16.38 -0.76
N PHE B 18 -13.69 15.11 -1.08
CA PHE B 18 -13.08 14.55 -2.27
C PHE B 18 -13.97 14.68 -3.48
N GLY B 19 -15.25 14.81 -3.21
CA GLY B 19 -16.18 15.08 -4.27
C GLY B 19 -16.64 13.87 -5.02
N PHE B 20 -16.67 12.74 -4.35
CA PHE B 20 -17.21 11.56 -4.95
C PHE B 20 -17.92 10.66 -3.99
N THR B 21 -18.69 9.74 -4.54
CA THR B 21 -19.52 8.85 -3.78
C THR B 21 -19.15 7.45 -4.18
N VAL B 22 -18.77 6.64 -3.22
CA VAL B 22 -18.43 5.28 -3.50
C VAL B 22 -19.48 4.34 -2.96
N SER B 23 -19.56 3.17 -3.56
CA SER B 23 -20.53 2.21 -3.16
C SER B 23 -20.05 0.82 -3.30
N GLY B 24 -20.71 -0.06 -2.59
CA GLY B 24 -20.39 -1.48 -2.52
C GLY B 24 -19.21 -1.83 -1.66
N ASP B 25 -18.78 -3.09 -1.77
CA ASP B 25 -17.48 -3.55 -1.29
C ASP B 25 -17.21 -4.89 -1.97
N ARG B 26 -15.94 -5.26 -2.11
CA ARG B 26 -15.58 -6.42 -2.93
C ARG B 26 -16.41 -6.50 -4.21
N ILE B 27 -16.38 -5.48 -5.08
CA ILE B 27 -15.46 -4.36 -4.95
C ILE B 27 -16.22 -3.04 -5.08
N VAL B 28 -15.56 -1.96 -4.65
CA VAL B 28 -16.10 -0.61 -4.61
C VAL B 28 -16.23 0.07 -5.98
N LEU B 29 -17.41 0.61 -6.25
CA LEU B 29 -17.60 1.43 -7.45
C LEU B 29 -17.70 2.90 -7.10
N VAL B 30 -17.26 3.74 -8.05
CA VAL B 30 -17.58 5.17 -8.00
C VAL B 30 -18.97 5.34 -8.56
N GLN B 31 -19.90 5.65 -7.69
CA GLN B 31 -21.30 5.75 -8.07
C GLN B 31 -21.58 7.10 -8.73
N SER B 32 -20.93 8.14 -8.22
CA SER B 32 -21.18 9.48 -8.70
C SER B 32 -20.00 10.41 -8.39
N VAL B 33 -19.83 11.42 -9.23
CA VAL B 33 -18.74 12.40 -9.08
C VAL B 33 -19.30 13.81 -9.05
N ARG B 34 -18.94 14.57 -8.03
CA ARG B 34 -19.45 15.93 -7.81
C ARG B 34 -18.89 16.91 -8.84
N PRO B 35 -19.80 17.61 -9.56
CA PRO B 35 -19.48 18.64 -10.54
C PRO B 35 -18.57 19.71 -9.93
N GLY B 36 -17.48 20.03 -10.62
CA GLY B 36 -16.52 20.98 -10.11
C GLY B 36 -15.76 20.49 -8.89
N GLY B 37 -15.83 19.20 -8.63
CA GLY B 37 -15.22 18.63 -7.44
C GLY B 37 -13.80 18.14 -7.66
N ALA B 38 -13.08 17.90 -6.57
CA ALA B 38 -11.71 17.43 -6.61
C ALA B 38 -11.59 16.16 -7.44
N ALA B 39 -12.43 15.16 -7.14
CA ALA B 39 -12.42 13.90 -7.87
C ALA B 39 -12.64 14.11 -9.39
N MET B 40 -13.59 14.96 -9.74
CA MET B 40 -13.82 15.29 -11.14
C MET B 40 -12.57 15.90 -11.76
N LYS B 41 -11.85 16.68 -10.95
CA LYS B 41 -10.68 17.43 -11.38
C LYS B 41 -9.47 16.52 -11.57
N ALA B 42 -9.44 15.41 -10.83
CA ALA B 42 -8.33 14.46 -10.89
C ALA B 42 -8.52 13.39 -11.96
N GLY B 43 -9.71 13.32 -12.54
CA GLY B 43 -10.00 12.36 -13.61
C GLY B 43 -10.87 11.17 -13.22
N VAL B 44 -11.45 11.21 -12.02
CA VAL B 44 -12.31 10.11 -11.57
C VAL B 44 -13.64 10.07 -12.36
N LYS B 45 -13.99 8.89 -12.86
CA LYS B 45 -15.20 8.71 -13.65
C LYS B 45 -16.27 7.88 -12.92
N GLU B 46 -17.53 8.29 -13.05
CA GLU B 46 -18.65 7.47 -12.64
C GLU B 46 -18.52 6.06 -13.22
N GLY B 47 -18.59 5.05 -12.36
CA GLY B 47 -18.52 3.68 -12.82
C GLY B 47 -17.13 3.10 -12.75
N ASP B 48 -16.14 3.93 -12.43
CA ASP B 48 -14.80 3.42 -12.16
C ASP B 48 -14.86 2.46 -10.96
N ARG B 49 -13.96 1.50 -10.98
CA ARG B 49 -13.82 0.54 -9.89
C ARG B 49 -12.51 0.80 -9.12
N ILE B 50 -12.58 0.93 -7.80
CA ILE B 50 -11.39 1.21 -7.01
C ILE B 50 -10.64 -0.06 -6.59
N ILE B 51 -9.45 -0.20 -7.17
CA ILE B 51 -8.58 -1.36 -6.97
C ILE B 51 -7.60 -1.15 -5.81
N LYS B 52 -7.00 0.03 -5.73
CA LYS B 52 -6.05 0.34 -4.65
C LYS B 52 -6.29 1.72 -4.02
N VAL B 53 -6.04 1.82 -2.72
CA VAL B 53 -6.14 3.09 -2.00
C VAL B 53 -4.82 3.33 -1.25
N ASN B 54 -4.08 4.37 -1.63
CA ASN B 54 -2.80 4.68 -0.98
C ASN B 54 -1.84 3.49 -1.03
N GLY B 55 -1.84 2.80 -2.18
CA GLY B 55 -1.03 1.62 -2.39
C GLY B 55 -1.75 0.32 -2.06
N THR B 56 -2.54 0.33 -0.99
CA THR B 56 -3.20 -0.86 -0.44
C THR B 56 -4.36 -1.35 -1.28
N MET B 57 -4.25 -2.58 -1.80
CA MET B 57 -5.34 -3.17 -2.58
C MET B 57 -6.57 -3.40 -1.71
N VAL B 58 -7.72 -2.99 -2.21
CA VAL B 58 -8.94 -3.08 -1.44
C VAL B 58 -9.96 -3.97 -2.12
N THR B 59 -9.47 -4.77 -3.08
CA THR B 59 -10.33 -5.65 -3.86
C THR B 59 -11.15 -6.58 -2.98
N ASN B 60 -10.57 -6.97 -1.85
CA ASN B 60 -11.26 -7.87 -0.93
C ASN B 60 -11.39 -7.32 0.48
N SER B 61 -11.45 -6.00 0.61
CA SER B 61 -11.76 -5.39 1.90
C SER B 61 -13.20 -4.91 1.92
N SER B 62 -13.68 -4.54 3.09
CA SER B 62 -15.06 -4.10 3.29
C SER B 62 -15.25 -2.63 2.90
N HIS B 63 -16.49 -2.19 2.84
CA HIS B 63 -16.83 -0.81 2.48
C HIS B 63 -16.25 0.18 3.48
N LEU B 64 -16.52 -0.08 4.76
CA LEU B 64 -16.10 0.81 5.81
C LEU B 64 -14.57 0.95 5.88
N GLU B 65 -13.85 -0.15 5.69
CA GLU B 65 -12.40 -0.09 5.69
C GLU B 65 -11.88 0.79 4.53
N VAL B 66 -12.56 0.69 3.38
CA VAL B 66 -12.18 1.45 2.20
C VAL B 66 -12.38 2.94 2.46
N VAL B 67 -13.51 3.27 3.06
CA VAL B 67 -13.81 4.64 3.45
C VAL B 67 -12.76 5.15 4.45
N LYS B 68 -12.29 4.25 5.30
CA LYS B 68 -11.25 4.58 6.27
C LYS B 68 -9.95 4.99 5.57
N LEU B 69 -9.43 4.09 4.73
CA LEU B 69 -8.21 4.37 3.96
C LEU B 69 -8.34 5.66 3.15
N ILE B 70 -9.48 5.86 2.49
CA ILE B 70 -9.68 7.06 1.69
C ILE B 70 -9.63 8.32 2.54
N LYS B 71 -10.24 8.27 3.71
CA LYS B 71 -10.34 9.45 4.56
C LYS B 71 -9.02 9.78 5.26
N SER B 72 -8.13 8.78 5.38
CA SER B 72 -6.91 8.93 6.19
C SER B 72 -6.03 10.17 5.96
N GLY B 73 -6.14 10.84 4.81
CA GLY B 73 -5.24 11.96 4.51
C GLY B 73 -5.81 13.17 3.77
N ALA B 74 -4.95 14.14 3.50
CA ALA B 74 -5.35 15.35 2.78
C ALA B 74 -5.48 15.07 1.29
N TYR B 75 -4.90 13.96 0.86
CA TYR B 75 -5.01 13.52 -0.53
C TYR B 75 -5.25 12.01 -0.55
N VAL B 76 -5.68 11.47 -1.68
CA VAL B 76 -5.73 10.01 -1.77
C VAL B 76 -5.25 9.51 -3.14
N ALA B 77 -4.32 8.56 -3.08
CA ALA B 77 -3.87 7.88 -4.28
C ALA B 77 -4.76 6.67 -4.53
N LEU B 78 -5.44 6.67 -5.69
CA LEU B 78 -6.28 5.56 -6.06
C LEU B 78 -5.78 4.90 -7.32
N THR B 79 -5.91 3.58 -7.36
CA THR B 79 -5.77 2.81 -8.59
C THR B 79 -7.14 2.29 -9.00
N LEU B 80 -7.51 2.68 -10.22
CA LEU B 80 -8.84 2.49 -10.79
C LEU B 80 -8.88 1.58 -12.01
N LEU B 81 -9.97 0.82 -12.11
CA LEU B 81 -10.28 -0.03 -13.26
C LEU B 81 -11.40 0.60 -14.09
N GLY B 82 -11.12 0.93 -15.36
CA GLY B 82 -12.11 1.65 -16.15
C GLY B 82 -12.20 1.22 -17.61
N SER B 83 -13.27 1.65 -18.28
CA SER B 83 -13.47 1.33 -19.70
C SER B 83 -12.40 1.93 -20.59
N SER B 84 -12.02 1.19 -21.63
CA SER B 84 -10.98 1.62 -22.54
C SER B 84 -11.23 1.01 -23.92
N THR B 85 -11.08 1.83 -24.94
CA THR B 85 -11.29 1.41 -26.29
C THR B 85 -10.02 1.24 -27.09
N SER B 86 -10.01 0.21 -27.91
CA SER B 86 -8.91 -0.13 -28.79
C SER B 86 -9.40 0.02 -30.22
N THR B 87 -8.75 0.85 -31.00
CA THR B 87 -9.16 1.02 -32.36
C THR B 87 -8.03 0.69 -33.28
N THR B 88 -8.34 -0.02 -34.35
CA THR B 88 -7.33 -0.34 -35.30
C THR B 88 -7.45 0.62 -36.46
N LEU B 89 -6.34 1.14 -36.93
CA LEU B 89 -6.33 2.10 -38.01
C LEU B 89 -5.46 1.69 -39.15
N GLY C 3 1.46 4.24 9.19
CA GLY C 3 2.25 4.58 8.01
C GLY C 3 2.68 3.35 7.22
N LEU C 4 3.95 3.01 7.32
CA LEU C 4 4.55 1.85 6.64
C LEU C 4 5.27 0.98 7.69
N VAL C 5 5.08 -0.34 7.62
CA VAL C 5 5.71 -1.27 8.56
C VAL C 5 6.52 -2.35 7.84
N GLN C 6 7.34 -3.07 8.60
CA GLN C 6 8.22 -4.11 8.06
C GLN C 6 7.75 -5.50 8.46
N ARG C 7 7.75 -6.41 7.50
CA ARG C 7 7.43 -7.80 7.80
C ARG C 7 8.28 -8.68 6.89
N CYS C 8 8.48 -9.95 7.24
CA CYS C 8 9.23 -10.84 6.39
C CYS C 8 8.34 -12.00 5.95
N VAL C 9 8.58 -12.54 4.75
CA VAL C 9 7.89 -13.71 4.23
C VAL C 9 8.89 -14.76 3.74
N ILE C 10 8.49 -16.02 3.74
CA ILE C 10 9.24 -17.04 3.00
C ILE C 10 8.39 -17.47 1.80
N ILE C 11 8.97 -17.45 0.60
CA ILE C 11 8.27 -18.01 -0.56
C ILE C 11 8.96 -19.26 -1.10
N GLN C 12 8.17 -20.31 -1.30
CA GLN C 12 8.64 -21.53 -1.92
C GLN C 12 8.24 -21.54 -3.40
N LYS C 13 9.26 -21.56 -4.26
CA LYS C 13 9.06 -21.69 -5.70
C LYS C 13 8.18 -22.90 -6.07
N ASP C 14 7.17 -22.70 -6.91
CA ASP C 14 6.43 -23.83 -7.51
C ASP C 14 6.55 -23.84 -9.04
N GLN C 15 5.54 -24.42 -9.70
CA GLN C 15 5.55 -24.59 -11.16
C GLN C 15 5.68 -23.26 -11.92
N HIS C 16 5.09 -22.21 -11.37
CA HIS C 16 5.14 -20.88 -11.95
C HIS C 16 6.19 -19.97 -11.29
N GLY C 17 7.26 -20.58 -10.78
CA GLY C 17 8.28 -19.81 -10.08
C GLY C 17 7.77 -19.32 -8.73
N PHE C 18 8.12 -18.09 -8.38
CA PHE C 18 7.69 -17.50 -7.12
C PHE C 18 6.33 -16.83 -7.27
N GLY C 19 5.96 -16.55 -8.52
CA GLY C 19 4.63 -16.06 -8.82
C GLY C 19 4.45 -14.56 -8.62
N PHE C 20 5.53 -13.79 -8.73
CA PHE C 20 5.36 -12.35 -8.66
C PHE C 20 6.32 -11.57 -9.58
N THR C 21 6.02 -10.30 -9.72
CA THR C 21 6.72 -9.40 -10.61
C THR C 21 7.20 -8.21 -9.82
N VAL C 22 8.48 -7.91 -10.01
CA VAL C 22 9.15 -6.79 -9.38
C VAL C 22 9.51 -5.76 -10.41
N SER C 23 9.43 -4.50 -9.99
CA SER C 23 9.79 -3.40 -10.85
C SER C 23 10.72 -2.42 -10.13
N GLY C 24 11.52 -1.74 -10.93
CA GLY C 24 12.47 -0.71 -10.56
C GLY C 24 13.76 -1.07 -9.90
N ASP C 25 14.43 -0.05 -9.34
CA ASP C 25 15.69 -0.20 -8.63
C ASP C 25 15.82 0.97 -7.65
N ARG C 26 16.27 0.70 -6.43
CA ARG C 26 16.42 1.74 -5.42
C ARG C 26 15.13 2.54 -5.27
N ILE C 27 14.01 1.90 -4.95
CA ILE C 27 13.97 0.51 -4.65
C ILE C 27 12.99 -0.28 -5.45
N VAL C 28 13.14 -1.59 -5.32
CA VAL C 28 12.37 -2.59 -6.00
C VAL C 28 11.01 -2.74 -5.35
N LEU C 29 9.96 -2.60 -6.16
CA LEU C 29 8.59 -2.78 -5.72
C LEU C 29 8.02 -4.08 -6.27
N VAL C 30 7.13 -4.70 -5.52
CA VAL C 30 6.35 -5.76 -6.11
C VAL C 30 5.32 -5.09 -7.00
N GLN C 31 5.43 -5.31 -8.30
CA GLN C 31 4.53 -4.68 -9.25
C GLN C 31 3.28 -5.51 -9.41
N SER C 32 3.43 -6.83 -9.42
CA SER C 32 2.20 -7.64 -9.44
C SER C 32 2.40 -8.99 -8.77
N VAL C 33 1.29 -9.66 -8.47
CA VAL C 33 1.36 -10.98 -7.84
C VAL C 33 0.43 -11.96 -8.56
N ARG C 34 0.96 -13.12 -8.98
CA ARG C 34 0.11 -14.12 -9.65
C ARG C 34 -0.94 -14.63 -8.66
N PRO C 35 -2.21 -14.66 -9.09
CA PRO C 35 -3.29 -15.20 -8.27
C PRO C 35 -3.14 -16.69 -8.04
N GLY C 36 -3.20 -17.11 -6.78
CA GLY C 36 -3.06 -18.51 -6.45
C GLY C 36 -1.62 -18.97 -6.46
N GLY C 37 -0.71 -18.04 -6.75
CA GLY C 37 0.70 -18.35 -6.85
C GLY C 37 1.38 -18.34 -5.50
N ALA C 38 2.64 -18.77 -5.47
CA ALA C 38 3.36 -18.91 -4.21
C ALA C 38 3.43 -17.59 -3.44
N ALA C 39 3.73 -16.51 -4.13
CA ALA C 39 3.90 -15.21 -3.47
C ALA C 39 2.63 -14.75 -2.76
N MET C 40 1.50 -14.88 -3.45
CA MET C 40 0.20 -14.49 -2.90
C MET C 40 -0.12 -15.30 -1.66
N LYS C 41 0.03 -16.60 -1.81
CA LYS C 41 -0.19 -17.57 -0.74
C LYS C 41 0.72 -17.32 0.47
N ALA C 42 1.90 -16.74 0.22
CA ALA C 42 2.86 -16.48 1.27
C ALA C 42 2.61 -15.10 1.88
N GLY C 43 1.72 -14.32 1.29
CA GLY C 43 1.37 -13.02 1.82
C GLY C 43 1.95 -11.79 1.15
N VAL C 44 2.80 -11.99 0.14
CA VAL C 44 3.34 -10.87 -0.65
C VAL C 44 2.20 -10.11 -1.36
N LYS C 45 2.20 -8.78 -1.23
CA LYS C 45 1.14 -7.98 -1.85
C LYS C 45 1.73 -6.92 -2.79
N GLU C 46 0.91 -6.39 -3.70
CA GLU C 46 1.39 -5.41 -4.67
C GLU C 46 1.69 -4.08 -3.99
N GLY C 47 2.76 -3.42 -4.42
CA GLY C 47 3.15 -2.15 -3.83
C GLY C 47 4.13 -2.33 -2.68
N ASP C 48 4.34 -3.58 -2.26
CA ASP C 48 5.37 -3.89 -1.27
C ASP C 48 6.76 -3.54 -1.79
N ARG C 49 7.58 -2.97 -0.92
CA ARG C 49 8.95 -2.63 -1.30
C ARG C 49 9.95 -3.62 -0.69
N ILE C 50 10.85 -4.17 -1.52
CA ILE C 50 11.81 -5.18 -1.04
C ILE C 50 13.07 -4.57 -0.41
N ILE C 51 13.18 -4.78 0.90
CA ILE C 51 14.26 -4.26 1.73
C ILE C 51 15.40 -5.26 1.84
N LYS C 52 15.05 -6.54 2.07
CA LYS C 52 16.09 -7.58 2.15
C LYS C 52 15.73 -8.83 1.37
N VAL C 53 16.75 -9.48 0.81
CA VAL C 53 16.58 -10.76 0.14
C VAL C 53 17.55 -11.70 0.82
N ASN C 54 17.03 -12.82 1.33
CA ASN C 54 17.81 -13.79 2.09
C ASN C 54 18.76 -13.15 3.07
N GLY C 55 18.28 -12.13 3.78
CA GLY C 55 19.07 -11.50 4.83
C GLY C 55 19.99 -10.39 4.37
N THR C 56 20.10 -10.19 3.06
CA THR C 56 20.99 -9.17 2.49
C THR C 56 20.22 -7.91 2.10
N MET C 57 20.64 -6.78 2.67
CA MET C 57 20.09 -5.48 2.31
C MET C 57 20.21 -5.22 0.81
N VAL C 58 19.11 -4.85 0.16
CA VAL C 58 19.12 -4.61 -1.25
C VAL C 58 18.61 -3.22 -1.61
N THR C 59 18.49 -2.34 -0.61
CA THR C 59 17.96 -1.00 -0.89
C THR C 59 18.86 -0.14 -1.81
N ASN C 60 20.13 -0.46 -1.92
CA ASN C 60 20.99 0.29 -2.84
C ASN C 60 21.58 -0.59 -3.92
N SER C 61 20.81 -1.60 -4.32
CA SER C 61 21.21 -2.52 -5.36
C SER C 61 20.49 -2.22 -6.67
N SER C 62 21.07 -2.70 -7.77
CA SER C 62 20.47 -2.58 -9.09
C SER C 62 19.41 -3.65 -9.30
N HIS C 63 18.48 -3.42 -10.22
CA HIS C 63 17.38 -4.34 -10.49
C HIS C 63 17.88 -5.77 -10.64
N LEU C 64 18.92 -5.89 -11.44
CA LEU C 64 19.51 -7.16 -11.77
C LEU C 64 20.09 -7.87 -10.56
N GLU C 65 20.77 -7.12 -9.69
N GLU C 65 20.79 -7.15 -9.68
CA GLU C 65 21.33 -7.69 -8.46
CA GLU C 65 21.34 -7.75 -8.47
C GLU C 65 20.25 -8.35 -7.60
C GLU C 65 20.24 -8.37 -7.62
N VAL C 66 19.16 -7.63 -7.40
CA VAL C 66 18.05 -8.12 -6.62
C VAL C 66 17.43 -9.37 -7.26
N VAL C 67 17.23 -9.30 -8.58
CA VAL C 67 16.62 -10.43 -9.25
C VAL C 67 17.49 -11.68 -9.09
N LYS C 68 18.80 -11.49 -9.22
CA LYS C 68 19.71 -12.62 -9.05
C LYS C 68 19.63 -13.24 -7.66
N LEU C 69 19.70 -12.39 -6.63
CA LEU C 69 19.57 -12.88 -5.24
C LEU C 69 18.29 -13.69 -5.04
N ILE C 70 17.17 -13.14 -5.51
CA ILE C 70 15.87 -13.80 -5.40
C ILE C 70 15.84 -15.18 -6.06
N LYS C 71 16.28 -15.21 -7.31
CA LYS C 71 16.27 -16.42 -8.11
C LYS C 71 17.31 -17.44 -7.66
N SER C 72 18.18 -17.06 -6.72
CA SER C 72 19.30 -17.93 -6.34
C SER C 72 18.92 -19.22 -5.59
N GLY C 73 17.70 -19.33 -5.09
CA GLY C 73 17.32 -20.52 -4.36
C GLY C 73 15.88 -20.96 -4.60
N ALA C 74 15.59 -22.22 -4.29
CA ALA C 74 14.24 -22.77 -4.38
C ALA C 74 13.28 -22.03 -3.41
N TYR C 75 13.88 -21.49 -2.35
CA TYR C 75 13.14 -20.71 -1.38
C TYR C 75 13.69 -19.29 -1.43
N VAL C 76 12.91 -18.32 -0.99
CA VAL C 76 13.48 -16.97 -0.80
C VAL C 76 12.85 -16.34 0.44
N ALA C 77 13.66 -15.68 1.24
CA ALA C 77 13.16 -14.92 2.36
C ALA C 77 13.20 -13.47 1.99
N LEU C 78 12.07 -12.77 2.11
CA LEU C 78 12.06 -11.36 1.80
C LEU C 78 11.73 -10.56 3.06
N THR C 79 12.42 -9.43 3.24
CA THR C 79 11.97 -8.42 4.18
C THR C 79 11.35 -7.33 3.35
N LEU C 80 10.08 -7.11 3.65
CA LEU C 80 9.15 -6.25 2.92
C LEU C 80 8.70 -5.06 3.74
N LEU C 81 8.54 -3.94 3.06
CA LEU C 81 8.07 -2.70 3.67
C LEU C 81 6.76 -2.32 2.98
N GLY C 82 5.70 -2.23 3.78
CA GLY C 82 4.38 -1.99 3.21
C GLY C 82 3.41 -1.48 4.24
N SER C 83 2.22 -1.09 3.81
CA SER C 83 1.22 -0.58 4.74
C SER C 83 0.45 -1.73 5.34
N SER C 84 -0.01 -1.53 6.56
CA SER C 84 -0.82 -2.54 7.22
C SER C 84 -2.15 -1.95 7.62
N THR C 85 -3.23 -2.60 7.20
CA THR C 85 -4.56 -2.12 7.51
C THR C 85 -4.85 -2.45 8.97
N SER C 86 -5.68 -1.62 9.59
CA SER C 86 -6.04 -1.70 10.99
C SER C 86 -7.56 -1.69 11.24
N THR C 87 -8.04 -2.47 12.20
CA THR C 87 -9.47 -2.51 12.52
C THR C 87 -9.75 -2.59 14.01
N THR C 88 -10.59 -1.70 14.54
CA THR C 88 -10.90 -1.71 15.95
C THR C 88 -12.05 -2.65 16.24
N LEU C 89 -11.95 -3.42 17.31
CA LEU C 89 -12.98 -4.40 17.66
C LEU C 89 -13.60 -4.23 19.02
N MET D 1 15.18 -13.35 32.18
CA MET D 1 14.46 -12.21 32.74
C MET D 1 13.39 -11.70 31.78
N THR D 2 13.77 -11.46 30.54
CA THR D 2 12.81 -11.00 29.55
C THR D 2 12.71 -12.02 28.39
N GLY D 3 11.49 -12.35 27.99
CA GLY D 3 11.26 -13.44 27.05
C GLY D 3 9.90 -13.46 26.36
N LEU D 4 9.61 -14.60 25.74
CA LEU D 4 8.36 -14.79 25.02
C LEU D 4 7.47 -15.82 25.74
N VAL D 5 6.17 -15.51 25.85
CA VAL D 5 5.19 -16.36 26.53
C VAL D 5 3.90 -16.55 25.71
N GLN D 6 3.26 -17.70 25.87
CA GLN D 6 1.96 -17.97 25.28
C GLN D 6 0.85 -17.57 26.25
N ARG D 7 -0.21 -16.97 25.72
CA ARG D 7 -1.32 -16.52 26.53
C ARG D 7 -2.59 -17.11 25.96
N CYS D 8 -3.45 -17.64 26.82
CA CYS D 8 -4.76 -18.14 26.41
C CYS D 8 -5.85 -17.38 27.14
N VAL D 9 -6.50 -16.50 26.42
CA VAL D 9 -7.52 -15.68 26.99
C VAL D 9 -8.86 -15.75 26.31
N ILE D 10 -9.89 -15.62 27.10
CA ILE D 10 -11.24 -15.64 26.62
C ILE D 10 -11.82 -14.29 27.00
N ILE D 11 -12.48 -13.64 26.07
CA ILE D 11 -13.02 -12.34 26.33
C ILE D 11 -14.45 -12.18 25.91
N GLN D 12 -15.22 -11.57 26.79
CA GLN D 12 -16.61 -11.28 26.53
C GLN D 12 -16.77 -9.86 26.04
N LYS D 13 -17.46 -9.68 24.91
CA LYS D 13 -17.80 -8.36 24.38
C LYS D 13 -18.24 -7.34 25.44
N ASP D 14 -17.89 -6.09 25.19
CA ASP D 14 -18.31 -4.93 25.97
C ASP D 14 -19.43 -4.26 25.17
N GLN D 15 -19.73 -3.00 25.47
CA GLN D 15 -20.59 -2.23 24.58
C GLN D 15 -19.73 -1.65 23.46
N HIS D 16 -18.43 -1.54 23.74
CA HIS D 16 -17.48 -1.02 22.77
C HIS D 16 -16.71 -2.16 22.11
N GLY D 17 -17.35 -3.32 22.03
CA GLY D 17 -16.69 -4.51 21.51
C GLY D 17 -15.69 -5.06 22.50
N PHE D 18 -14.61 -5.64 21.98
CA PHE D 18 -13.67 -6.35 22.84
C PHE D 18 -12.60 -5.46 23.48
N GLY D 19 -12.43 -4.26 22.95
CA GLY D 19 -11.54 -3.29 23.56
C GLY D 19 -10.10 -3.46 23.15
N PHE D 20 -9.88 -3.82 21.89
CA PHE D 20 -8.53 -3.90 21.34
C PHE D 20 -8.56 -3.69 19.83
N THR D 21 -7.42 -3.35 19.25
CA THR D 21 -7.41 -3.07 17.82
C THR D 21 -6.31 -3.84 17.12
N VAL D 22 -6.64 -4.41 15.96
CA VAL D 22 -5.72 -5.30 15.25
C VAL D 22 -5.04 -4.65 14.03
N SER D 23 -3.75 -4.87 13.87
CA SER D 23 -3.10 -4.33 12.69
C SER D 23 -2.37 -5.43 11.92
N GLY D 24 -2.09 -5.11 10.65
CA GLY D 24 -1.40 -6.01 9.74
C GLY D 24 -2.07 -7.35 9.56
N ASP D 25 -1.34 -8.29 8.97
CA ASP D 25 -1.78 -9.69 8.86
C ASP D 25 -0.55 -10.57 8.66
N ARG D 26 -0.71 -11.86 8.93
CA ARG D 26 0.38 -12.83 8.74
C ARG D 26 1.74 -12.41 9.33
N ILE D 27 1.86 -12.33 10.65
CA ILE D 27 0.82 -12.68 11.60
C ILE D 27 0.16 -11.40 12.11
N VAL D 28 -1.17 -11.45 12.27
CA VAL D 28 -1.93 -10.34 12.84
C VAL D 28 -1.33 -9.90 14.17
N LEU D 29 -1.43 -8.61 14.50
CA LEU D 29 -0.93 -8.17 15.80
C LEU D 29 -1.90 -7.23 16.50
N VAL D 30 -1.69 -7.06 17.80
CA VAL D 30 -2.54 -6.20 18.60
C VAL D 30 -1.86 -4.86 18.76
N GLN D 31 -2.37 -3.87 18.04
CA GLN D 31 -1.77 -2.54 17.98
C GLN D 31 -1.96 -1.80 19.30
N SER D 32 -3.15 -1.91 19.87
CA SER D 32 -3.44 -1.25 21.14
C SER D 32 -4.66 -1.82 21.85
N VAL D 33 -4.77 -1.50 23.13
CA VAL D 33 -5.85 -2.02 23.96
C VAL D 33 -6.44 -0.91 24.85
N ARG D 34 -7.76 -0.76 24.82
CA ARG D 34 -8.44 0.21 25.67
C ARG D 34 -8.14 -0.04 27.14
N PRO D 35 -7.85 1.03 27.87
CA PRO D 35 -7.46 0.99 29.28
C PRO D 35 -8.58 0.54 30.22
N GLY D 36 -9.81 0.47 29.71
CA GLY D 36 -10.93 0.06 30.54
C GLY D 36 -11.81 -1.00 29.91
N GLY D 37 -11.34 -1.58 28.81
CA GLY D 37 -12.13 -2.56 28.08
C GLY D 37 -11.91 -3.99 28.56
N ALA D 38 -12.63 -4.91 27.91
CA ALA D 38 -12.58 -6.31 28.31
C ALA D 38 -11.18 -6.92 28.07
N ALA D 39 -10.64 -6.73 26.87
CA ALA D 39 -9.31 -7.19 26.50
C ALA D 39 -8.27 -6.90 27.58
N MET D 40 -8.23 -5.68 28.11
CA MET D 40 -7.16 -5.35 29.05
C MET D 40 -7.05 -6.31 30.24
N LYS D 41 -8.04 -6.33 31.12
CA LYS D 41 -7.91 -7.19 32.29
C LYS D 41 -8.31 -8.63 31.99
N ALA D 42 -8.59 -8.93 30.71
CA ALA D 42 -8.63 -10.32 30.29
C ALA D 42 -7.21 -10.85 30.02
N GLY D 43 -6.27 -9.93 29.80
CA GLY D 43 -4.86 -10.29 29.66
C GLY D 43 -4.24 -10.03 28.30
N VAL D 44 -4.92 -9.24 27.48
CA VAL D 44 -4.36 -8.87 26.17
C VAL D 44 -3.44 -7.67 26.32
N LYS D 45 -2.27 -7.76 25.71
CA LYS D 45 -1.25 -6.71 25.73
C LYS D 45 -1.01 -6.19 24.33
N GLU D 46 -0.62 -4.92 24.24
CA GLU D 46 -0.17 -4.38 22.97
C GLU D 46 1.02 -5.19 22.47
N GLY D 47 1.07 -5.47 21.17
CA GLY D 47 2.19 -6.18 20.58
C GLY D 47 2.08 -7.69 20.45
N ASP D 48 1.06 -8.28 21.09
CA ASP D 48 0.85 -9.73 21.00
C ASP D 48 0.53 -10.18 19.58
N ARG D 49 0.93 -11.38 19.21
CA ARG D 49 0.52 -11.91 17.93
C ARG D 49 -0.63 -12.90 18.10
N ILE D 50 -1.64 -12.76 17.27
CA ILE D 50 -2.75 -13.68 17.30
C ILE D 50 -2.39 -14.92 16.52
N ILE D 51 -2.41 -16.05 17.22
CA ILE D 51 -2.07 -17.33 16.65
C ILE D 51 -3.36 -18.12 16.34
N LYS D 52 -4.28 -18.15 17.29
CA LYS D 52 -5.54 -18.86 17.09
C LYS D 52 -6.74 -18.03 17.54
N VAL D 53 -7.77 -17.97 16.70
CA VAL D 53 -9.05 -17.40 17.13
C VAL D 53 -10.11 -18.49 17.09
N ASN D 54 -10.68 -18.80 18.24
CA ASN D 54 -11.81 -19.74 18.32
C ASN D 54 -11.46 -21.10 17.70
N GLY D 55 -10.29 -21.62 18.05
CA GLY D 55 -9.83 -22.91 17.56
C GLY D 55 -9.31 -22.91 16.13
N THR D 56 -9.34 -21.75 15.48
CA THR D 56 -8.90 -21.61 14.12
C THR D 56 -7.52 -20.99 14.06
N MET D 57 -6.60 -21.67 13.39
CA MET D 57 -5.26 -21.15 13.19
C MET D 57 -5.26 -20.04 12.14
N VAL D 58 -4.66 -18.91 12.47
CA VAL D 58 -4.75 -17.77 11.58
C VAL D 58 -3.39 -17.19 11.20
N THR D 59 -2.37 -18.03 11.24
CA THR D 59 -1.03 -17.52 10.99
C THR D 59 -0.81 -17.20 9.48
N ASN D 60 -1.57 -17.84 8.60
CA ASN D 60 -1.57 -17.47 7.19
C ASN D 60 -2.93 -17.01 6.66
N SER D 61 -3.69 -16.28 7.47
CA SER D 61 -4.98 -15.77 7.03
C SER D 61 -4.91 -14.27 6.78
N SER D 62 -5.96 -13.73 6.17
CA SER D 62 -5.99 -12.31 5.88
C SER D 62 -6.50 -11.54 7.08
N HIS D 63 -6.19 -10.25 7.08
CA HIS D 63 -6.68 -9.31 8.09
C HIS D 63 -8.18 -9.40 8.31
N LEU D 64 -8.94 -9.38 7.22
CA LEU D 64 -10.38 -9.29 7.35
C LEU D 64 -11.01 -10.60 7.82
N GLU D 65 -10.49 -11.72 7.32
CA GLU D 65 -10.99 -13.04 7.75
C GLU D 65 -10.82 -13.21 9.26
N VAL D 66 -9.63 -12.88 9.74
CA VAL D 66 -9.35 -12.87 11.18
C VAL D 66 -10.30 -11.95 11.95
N VAL D 67 -10.48 -10.73 11.43
CA VAL D 67 -11.36 -9.75 12.09
C VAL D 67 -12.77 -10.28 12.29
N LYS D 68 -13.36 -10.84 11.23
CA LYS D 68 -14.72 -11.31 11.39
C LYS D 68 -14.80 -12.64 12.11
N LEU D 69 -13.72 -13.40 12.11
CA LEU D 69 -13.68 -14.57 12.97
C LEU D 69 -13.78 -14.11 14.43
N ILE D 70 -13.09 -13.03 14.77
CA ILE D 70 -13.16 -12.53 16.14
C ILE D 70 -14.54 -11.98 16.50
N LYS D 71 -15.13 -11.20 15.60
CA LYS D 71 -16.39 -10.53 15.91
C LYS D 71 -17.61 -11.41 15.64
N SER D 72 -17.39 -12.69 15.43
CA SER D 72 -18.46 -13.63 15.09
C SER D 72 -19.37 -14.00 16.26
N GLY D 73 -18.86 -13.84 17.47
CA GLY D 73 -19.64 -14.15 18.66
C GLY D 73 -19.40 -13.14 19.76
N ALA D 74 -20.18 -13.19 20.83
CA ALA D 74 -20.00 -12.23 21.91
C ALA D 74 -18.80 -12.54 22.75
N TYR D 75 -18.28 -13.72 22.52
CA TYR D 75 -17.13 -14.20 23.23
C TYR D 75 -16.12 -14.59 22.21
N VAL D 76 -14.85 -14.40 22.52
CA VAL D 76 -13.80 -14.81 21.62
C VAL D 76 -12.68 -15.52 22.34
N ALA D 77 -12.18 -16.60 21.76
CA ALA D 77 -11.02 -17.29 22.32
C ALA D 77 -9.77 -17.01 21.51
N LEU D 78 -8.77 -16.42 22.16
CA LEU D 78 -7.52 -16.06 21.50
C LEU D 78 -6.35 -16.79 22.13
N THR D 79 -5.57 -17.42 21.27
CA THR D 79 -4.25 -17.89 21.62
C THR D 79 -3.26 -16.91 20.99
N LEU D 80 -2.41 -16.38 21.87
CA LEU D 80 -1.64 -15.17 21.67
C LEU D 80 -0.20 -15.46 22.02
N LEU D 81 0.72 -14.81 21.31
CA LEU D 81 2.11 -14.88 21.66
C LEU D 81 2.58 -13.47 21.97
N GLY D 82 3.23 -13.29 23.11
CA GLY D 82 3.64 -11.95 23.49
C GLY D 82 4.92 -12.00 24.29
N SER D 83 5.54 -10.85 24.54
CA SER D 83 6.73 -10.84 25.38
C SER D 83 6.36 -10.40 26.79
N SER D 84 7.14 -10.86 27.76
CA SER D 84 7.03 -10.32 29.09
C SER D 84 8.38 -10.37 29.78
N THR D 85 8.48 -9.56 30.82
CA THR D 85 9.65 -9.46 31.64
C THR D 85 9.40 -10.13 32.99
N SER D 86 10.46 -10.61 33.62
CA SER D 86 10.37 -11.29 34.89
C SER D 86 11.48 -10.79 35.79
N THR D 87 11.15 -10.38 37.01
CA THR D 87 12.13 -9.73 37.87
C THR D 87 12.16 -10.37 39.26
N THR D 88 13.36 -10.73 39.71
CA THR D 88 13.53 -11.32 41.04
C THR D 88 13.77 -10.23 42.08
N LEU D 89 13.04 -10.30 43.19
CA LEU D 89 13.13 -9.26 44.20
C LEU D 89 13.52 -9.81 45.59
#